data_6N3U
#
_entry.id   6N3U
#
_cell.length_a   71.356
_cell.length_b   122.983
_cell.length_c   81.820
_cell.angle_alpha   90.000
_cell.angle_beta   95.040
_cell.angle_gamma   90.000
#
_symmetry.space_group_name_H-M   'C 1 2 1'
#
_entity_poly.entity_id   1
_entity_poly.type   'polypeptide(L)'
_entity_poly.pdbx_seq_one_letter_code
;HMHHHHHHGGSPTSILDIRQGPKEPFRDYVDRFYKTLRAEQASQEVKNWMTETLLVQNANPDCKTILKALGPGATLEEMM
TACQGVGGPGHKARVLAEAMSQVTNTATIM
;
_entity_poly.pdbx_strand_id   A,B,C,D,E,F
#
# COMPACT_ATOMS: atom_id res chain seq x y z
N THR A 13 -13.00 -24.65 -10.98
CA THR A 13 -11.60 -24.25 -11.11
C THR A 13 -10.95 -24.93 -12.30
N SER A 14 -10.63 -24.15 -13.33
CA SER A 14 -9.99 -24.65 -14.53
C SER A 14 -8.67 -23.92 -14.76
N ILE A 15 -7.71 -24.62 -15.36
CA ILE A 15 -6.37 -24.06 -15.55
C ILE A 15 -6.43 -22.81 -16.43
N LEU A 16 -7.42 -22.71 -17.30
CA LEU A 16 -7.53 -21.57 -18.21
C LEU A 16 -8.01 -20.30 -17.52
N ASP A 17 -8.48 -20.39 -16.27
CA ASP A 17 -8.95 -19.23 -15.53
C ASP A 17 -7.86 -18.59 -14.68
N ILE A 18 -6.68 -19.18 -14.62
CA ILE A 18 -5.60 -18.67 -13.78
C ILE A 18 -4.89 -17.56 -14.54
N ARG A 19 -4.98 -16.33 -14.03
CA ARG A 19 -4.30 -15.18 -14.60
C ARG A 19 -3.58 -14.43 -13.49
N GLN A 20 -2.44 -13.85 -13.85
CA GLN A 20 -1.65 -13.07 -12.90
C GLN A 20 -2.31 -11.72 -12.67
N GLY A 21 -2.57 -11.38 -11.41
CA GLY A 21 -3.10 -10.08 -11.08
C GLY A 21 -2.16 -8.97 -11.50
N PRO A 22 -2.64 -7.73 -11.50
CA PRO A 22 -1.79 -6.62 -11.95
C PRO A 22 -0.64 -6.32 -11.00
N LYS A 23 -0.79 -6.62 -9.71
CA LYS A 23 0.25 -6.37 -8.71
C LYS A 23 0.74 -7.64 -8.06
N GLU A 24 0.32 -8.82 -8.54
CA GLU A 24 0.72 -10.07 -7.92
C GLU A 24 2.17 -10.40 -8.29
N PRO A 25 2.98 -10.84 -7.32
CA PRO A 25 4.35 -11.27 -7.67
C PRO A 25 4.33 -12.47 -8.58
N PHE A 26 5.33 -12.54 -9.47
CA PHE A 26 5.39 -13.67 -10.41
C PHE A 26 5.58 -14.99 -9.67
N ARG A 27 6.29 -14.98 -8.54
CA ARG A 27 6.45 -16.20 -7.75
C ARG A 27 5.10 -16.70 -7.25
N ASP A 28 4.25 -15.80 -6.74
CA ASP A 28 2.95 -16.20 -6.22
C ASP A 28 2.05 -16.71 -7.34
N TYR A 29 2.22 -16.20 -8.56
CA TYR A 29 1.35 -16.59 -9.66
C TYR A 29 1.78 -17.92 -10.27
N VAL A 30 3.09 -18.17 -10.34
CA VAL A 30 3.59 -19.45 -10.84
C VAL A 30 3.18 -20.59 -9.93
N ASP A 31 2.93 -20.31 -8.65
CA ASP A 31 2.52 -21.35 -7.72
C ASP A 31 1.04 -21.72 -7.90
N ARG A 32 0.19 -20.72 -8.14
CA ARG A 32 -1.22 -21.01 -8.39
C ARG A 32 -1.38 -21.78 -9.70
N PHE A 33 -0.58 -21.45 -10.71
CA PHE A 33 -0.67 -22.15 -11.98
C PHE A 33 -0.38 -23.64 -11.81
N TYR A 34 0.67 -23.96 -11.05
CA TYR A 34 1.02 -25.36 -10.83
C TYR A 34 0.09 -26.00 -9.82
N LYS A 35 -0.35 -25.25 -8.80
CA LYS A 35 -1.32 -25.79 -7.86
C LYS A 35 -2.60 -26.20 -8.57
N THR A 36 -3.04 -25.42 -9.55
CA THR A 36 -4.24 -25.76 -10.31
C THR A 36 -3.97 -26.89 -11.29
N LEU A 37 -2.82 -26.87 -11.97
CA LEU A 37 -2.53 -27.86 -13.00
C LEU A 37 -2.31 -29.25 -12.43
N ARG A 38 -2.25 -29.41 -11.12
CA ARG A 38 -2.15 -30.72 -10.47
C ARG A 38 -3.51 -31.38 -10.27
N ALA A 39 -4.61 -30.67 -10.51
CA ALA A 39 -5.94 -31.20 -10.35
C ALA A 39 -6.67 -31.45 -11.66
N GLU A 40 -6.39 -30.64 -12.69
CA GLU A 40 -7.08 -30.77 -13.97
C GLU A 40 -6.81 -32.13 -14.60
N GLN A 41 -7.83 -32.97 -14.68
CA GLN A 41 -7.68 -34.32 -15.23
C GLN A 41 -7.26 -34.27 -16.69
N ALA A 42 -6.00 -34.62 -16.96
CA ALA A 42 -5.48 -34.61 -18.32
C ALA A 42 -4.23 -35.47 -18.36
N SER A 43 -3.68 -35.65 -19.56
CA SER A 43 -2.47 -36.44 -19.74
C SER A 43 -1.23 -35.60 -19.44
N GLN A 44 -0.16 -36.29 -19.05
CA GLN A 44 1.10 -35.60 -18.74
C GLN A 44 1.57 -34.77 -19.93
N GLU A 45 1.48 -35.33 -21.14
CA GLU A 45 1.88 -34.59 -22.33
C GLU A 45 1.07 -33.30 -22.47
N VAL A 46 -0.24 -33.37 -22.22
CA VAL A 46 -1.06 -32.17 -22.31
C VAL A 46 -0.65 -31.15 -21.25
N LYS A 47 -0.47 -31.61 -20.01
CA LYS A 47 -0.11 -30.68 -18.92
C LYS A 47 1.20 -29.97 -19.23
N ASN A 48 2.16 -30.68 -19.80
CA ASN A 48 3.41 -30.02 -20.21
C ASN A 48 3.14 -28.99 -21.30
N TRP A 49 2.26 -29.32 -22.25
CA TRP A 49 1.89 -28.36 -23.28
C TRP A 49 1.18 -27.15 -22.67
N MET A 50 0.28 -27.40 -21.72
CA MET A 50 -0.35 -26.31 -20.98
C MET A 50 0.71 -25.40 -20.37
N THR A 51 1.67 -25.99 -19.65
CA THR A 51 2.73 -25.21 -19.03
C THR A 51 3.54 -24.42 -20.04
N GLU A 52 3.55 -24.83 -21.30
CA GLU A 52 4.38 -24.20 -22.32
C GLU A 52 3.68 -23.04 -23.04
N THR A 53 2.36 -22.90 -22.88
CA THR A 53 1.60 -21.88 -23.60
C THR A 53 0.84 -20.94 -22.68
N LEU A 54 0.26 -21.45 -21.59
CA LEU A 54 -0.58 -20.61 -20.74
C LEU A 54 0.23 -19.79 -19.76
N LEU A 55 1.32 -20.35 -19.24
CA LEU A 55 2.06 -19.69 -18.15
C LEU A 55 2.51 -18.30 -18.56
N VAL A 56 3.23 -18.20 -19.68
CA VAL A 56 3.72 -16.90 -20.13
C VAL A 56 2.62 -16.07 -20.79
N GLN A 57 1.57 -16.72 -21.30
CA GLN A 57 0.49 -15.97 -21.93
C GLN A 57 -0.36 -15.26 -20.88
N ASN A 58 -0.73 -15.97 -19.82
CA ASN A 58 -1.60 -15.41 -18.79
C ASN A 58 -0.82 -14.62 -17.73
N ALA A 59 0.36 -14.10 -18.08
CA ALA A 59 1.09 -13.22 -17.18
C ALA A 59 0.72 -11.76 -17.44
N ASN A 60 0.97 -10.92 -16.44
CA ASN A 60 0.63 -9.51 -16.56
C ASN A 60 1.62 -8.79 -17.47
N PRO A 61 1.24 -7.62 -17.99
CA PRO A 61 2.09 -6.95 -18.99
C PRO A 61 3.50 -6.66 -18.50
N ASP A 62 3.68 -6.45 -17.19
CA ASP A 62 5.02 -6.19 -16.67
C ASP A 62 5.92 -7.40 -16.83
N CYS A 63 5.50 -8.54 -16.27
CA CYS A 63 6.27 -9.76 -16.41
C CYS A 63 6.36 -10.22 -17.86
N LYS A 64 5.30 -9.99 -18.64
CA LYS A 64 5.29 -10.48 -20.01
C LYS A 64 6.36 -9.80 -20.86
N THR A 65 6.53 -8.49 -20.70
CA THR A 65 7.55 -7.78 -21.47
C THR A 65 8.95 -8.27 -21.12
N ILE A 66 9.15 -8.76 -19.91
CA ILE A 66 10.46 -9.25 -19.49
C ILE A 66 10.67 -10.69 -19.97
N LEU A 67 9.63 -11.52 -19.88
CA LEU A 67 9.76 -12.91 -20.31
C LEU A 67 9.93 -13.02 -21.82
N LYS A 68 9.38 -12.08 -22.59
CA LYS A 68 9.58 -12.10 -24.03
C LYS A 68 11.02 -11.74 -24.39
N ALA A 69 11.61 -10.80 -23.65
CA ALA A 69 13.00 -10.41 -23.92
C ALA A 69 13.95 -11.60 -23.77
N LEU A 70 13.58 -12.59 -22.94
CA LEU A 70 14.43 -13.76 -22.78
C LEU A 70 14.35 -14.66 -24.00
N GLY A 71 13.14 -14.89 -24.52
CA GLY A 71 12.95 -15.72 -25.68
C GLY A 71 12.70 -17.18 -25.29
N PRO A 72 12.81 -18.07 -26.26
CA PRO A 72 12.59 -19.50 -25.98
C PRO A 72 13.81 -20.16 -25.36
N GLY A 73 13.56 -21.31 -24.74
CA GLY A 73 14.60 -22.07 -24.07
C GLY A 73 14.83 -21.68 -22.62
N ALA A 74 14.13 -20.68 -22.11
CA ALA A 74 14.27 -20.27 -20.73
C ALA A 74 13.46 -21.16 -19.81
N THR A 75 14.08 -21.58 -18.71
CA THR A 75 13.43 -22.42 -17.72
C THR A 75 12.74 -21.54 -16.68
N LEU A 76 12.09 -22.18 -15.71
CA LEU A 76 11.46 -21.43 -14.62
C LEU A 76 12.50 -20.64 -13.83
N GLU A 77 13.57 -21.32 -13.40
CA GLU A 77 14.62 -20.66 -12.62
C GLU A 77 15.21 -19.46 -13.35
N GLU A 78 15.09 -19.40 -14.68
CA GLU A 78 15.57 -18.27 -15.46
C GLU A 78 14.55 -17.15 -15.54
N MET A 79 13.26 -17.48 -15.67
CA MET A 79 12.23 -16.46 -15.60
C MET A 79 12.08 -15.94 -14.18
N MET A 80 11.91 -16.85 -13.21
CA MET A 80 11.67 -16.46 -11.83
C MET A 80 12.80 -15.64 -11.23
N THR A 81 13.94 -15.53 -11.90
CA THR A 81 14.98 -14.60 -11.50
C THR A 81 14.92 -13.28 -12.26
N ALA A 82 14.31 -13.28 -13.45
CA ALA A 82 14.16 -12.08 -14.25
C ALA A 82 12.94 -11.25 -13.88
N CYS A 83 12.04 -11.78 -13.04
CA CYS A 83 10.81 -11.08 -12.69
C CYS A 83 10.70 -10.71 -11.23
N GLN A 84 11.64 -11.15 -10.37
CA GLN A 84 11.54 -10.79 -8.96
C GLN A 84 11.91 -9.34 -8.69
N GLY A 85 12.16 -8.54 -9.72
CA GLY A 85 12.38 -7.13 -9.56
C GLY A 85 11.14 -6.30 -9.84
N VAL A 86 10.19 -6.89 -10.57
CA VAL A 86 8.96 -6.18 -10.89
C VAL A 86 8.26 -5.77 -9.61
N GLY A 87 8.01 -4.47 -9.47
CA GLY A 87 7.36 -3.93 -8.29
C GLY A 87 8.32 -3.45 -7.22
N GLY A 88 9.62 -3.51 -7.46
CA GLY A 88 10.60 -3.04 -6.51
C GLY A 88 10.96 -1.60 -6.77
N PRO A 89 11.65 -0.96 -5.81
CA PRO A 89 12.06 0.44 -6.00
C PRO A 89 12.83 0.68 -7.29
N GLY A 90 13.63 -0.30 -7.72
CA GLY A 90 14.38 -0.12 -8.96
C GLY A 90 13.48 -0.10 -10.18
N HIS A 91 12.52 -1.02 -10.23
CA HIS A 91 11.65 -1.13 -11.40
C HIS A 91 10.74 0.08 -11.55
N LYS A 92 9.93 0.36 -10.53
CA LYS A 92 8.98 1.47 -10.62
C LYS A 92 9.66 2.75 -11.08
N ALA A 93 10.90 2.98 -10.64
CA ALA A 93 11.60 4.19 -11.01
C ALA A 93 12.21 4.07 -12.41
N ARG A 94 12.71 2.89 -12.75
CA ARG A 94 13.27 2.68 -14.09
C ARG A 94 12.19 2.87 -15.15
N VAL A 95 11.00 2.31 -14.93
CA VAL A 95 9.89 2.49 -15.85
C VAL A 95 9.39 3.93 -15.79
N LEU A 96 9.10 4.42 -14.59
CA LEU A 96 8.55 5.76 -14.44
C LEU A 96 9.47 6.81 -15.07
N ALA A 97 10.77 6.71 -14.79
CA ALA A 97 11.72 7.66 -15.36
C ALA A 97 11.86 7.52 -16.87
N GLU A 98 11.24 6.50 -17.48
CA GLU A 98 11.26 6.33 -18.92
C GLU A 98 10.05 6.97 -19.59
N ALA A 99 8.85 6.69 -19.07
CA ALA A 99 7.65 7.31 -19.61
C ALA A 99 7.75 8.84 -19.60
N MET A 100 8.49 9.39 -18.65
CA MET A 100 8.79 10.82 -18.69
C MET A 100 9.57 11.17 -19.95
N SER A 101 10.61 10.40 -20.24
CA SER A 101 11.43 10.68 -21.43
C SER A 101 10.68 10.34 -22.70
N GLN A 102 10.00 9.19 -22.72
CA GLN A 102 9.26 8.78 -23.91
C GLN A 102 8.21 9.81 -24.31
N VAL A 103 7.76 10.65 -23.38
CA VAL A 103 6.76 11.66 -23.67
C VAL A 103 7.29 13.03 -23.27
N PRO B 12 -30.59 -9.01 0.83
CA PRO B 12 -29.96 -9.65 -0.32
C PRO B 12 -29.15 -8.69 -1.17
N THR B 13 -28.37 -9.22 -2.11
CA THR B 13 -27.56 -8.42 -3.01
C THR B 13 -28.19 -8.44 -4.40
N SER B 14 -28.35 -7.26 -4.98
CA SER B 14 -28.87 -7.13 -6.33
C SER B 14 -27.72 -6.93 -7.31
N ILE B 15 -27.80 -7.59 -8.47
CA ILE B 15 -26.74 -7.56 -9.45
C ILE B 15 -26.41 -6.12 -9.83
N LEU B 16 -27.37 -5.21 -9.65
CA LEU B 16 -27.18 -3.81 -10.00
C LEU B 16 -26.28 -3.06 -9.02
N ASP B 17 -25.99 -3.64 -7.85
CA ASP B 17 -25.14 -2.97 -6.86
C ASP B 17 -23.69 -3.44 -6.90
N ILE B 18 -23.37 -4.41 -7.76
CA ILE B 18 -22.00 -4.87 -7.91
C ILE B 18 -21.25 -3.85 -8.76
N ARG B 19 -20.39 -3.06 -8.13
CA ARG B 19 -19.55 -2.10 -8.80
C ARG B 19 -18.09 -2.43 -8.54
N GLN B 20 -17.22 -1.96 -9.44
CA GLN B 20 -15.79 -2.18 -9.30
C GLN B 20 -15.19 -1.09 -8.44
N GLY B 21 -14.49 -1.49 -7.38
CA GLY B 21 -13.80 -0.56 -6.53
C GLY B 21 -12.83 0.29 -7.34
N PRO B 22 -12.45 1.46 -6.81
CA PRO B 22 -11.50 2.31 -7.52
C PRO B 22 -10.11 1.73 -7.64
N LYS B 23 -9.80 0.69 -6.86
CA LYS B 23 -8.46 0.13 -6.79
C LYS B 23 -8.48 -1.40 -6.88
N GLU B 24 -9.54 -1.96 -7.48
CA GLU B 24 -9.74 -3.40 -7.51
C GLU B 24 -9.35 -3.97 -8.87
N PRO B 25 -8.70 -5.14 -8.91
CA PRO B 25 -8.39 -5.75 -10.21
C PRO B 25 -9.66 -6.12 -10.96
N PHE B 26 -9.59 -6.00 -12.30
CA PHE B 26 -10.72 -6.36 -13.13
C PHE B 26 -11.08 -7.83 -12.97
N ARG B 27 -10.07 -8.70 -12.87
CA ARG B 27 -10.32 -10.12 -12.65
C ARG B 27 -11.18 -10.32 -11.41
N ASP B 28 -10.86 -9.62 -10.32
CA ASP B 28 -11.59 -9.80 -9.07
C ASP B 28 -13.01 -9.29 -9.19
N TYR B 29 -13.20 -8.13 -9.83
CA TYR B 29 -14.55 -7.58 -9.97
C TYR B 29 -15.40 -8.44 -10.88
N VAL B 30 -14.80 -9.00 -11.94
CA VAL B 30 -15.55 -9.89 -12.82
C VAL B 30 -16.07 -11.09 -12.05
N ASP B 31 -15.24 -11.68 -11.19
CA ASP B 31 -15.66 -12.85 -10.44
C ASP B 31 -16.86 -12.55 -9.55
N ARG B 32 -16.83 -11.40 -8.87
CA ARG B 32 -17.97 -11.02 -8.03
C ARG B 32 -19.23 -10.85 -8.87
N PHE B 33 -19.10 -10.22 -10.03
CA PHE B 33 -20.24 -10.05 -10.93
C PHE B 33 -20.88 -11.39 -11.27
N TYR B 34 -20.06 -12.37 -11.66
CA TYR B 34 -20.61 -13.66 -12.06
C TYR B 34 -21.05 -14.45 -10.84
N LYS B 35 -20.31 -14.35 -9.74
CA LYS B 35 -20.74 -14.99 -8.50
C LYS B 35 -22.08 -14.46 -8.04
N THR B 36 -22.36 -13.18 -8.31
CA THR B 36 -23.63 -12.57 -7.94
C THR B 36 -24.71 -12.87 -8.98
N LEU B 37 -24.35 -12.85 -10.27
CA LEU B 37 -25.33 -13.10 -11.32
C LEU B 37 -25.85 -14.53 -11.28
N ARG B 38 -25.02 -15.49 -10.86
CA ARG B 38 -25.46 -16.88 -10.77
C ARG B 38 -26.63 -17.02 -9.81
N ALA B 39 -26.75 -16.12 -8.84
CA ALA B 39 -27.78 -16.21 -7.83
C ALA B 39 -29.03 -15.39 -8.15
N GLU B 40 -28.91 -14.34 -8.98
CA GLU B 40 -30.06 -13.52 -9.31
C GLU B 40 -31.19 -14.38 -9.86
N GLN B 41 -32.41 -14.11 -9.42
CA GLN B 41 -33.57 -14.90 -9.76
C GLN B 41 -34.12 -14.60 -11.16
N ALA B 42 -33.34 -13.94 -12.02
CA ALA B 42 -33.80 -13.61 -13.35
C ALA B 42 -33.78 -14.87 -14.23
N SER B 43 -34.08 -14.71 -15.51
CA SER B 43 -34.01 -15.80 -16.47
C SER B 43 -32.73 -15.70 -17.28
N GLN B 44 -32.32 -16.83 -17.85
CA GLN B 44 -31.02 -16.90 -18.52
C GLN B 44 -30.95 -15.93 -19.69
N GLU B 45 -32.08 -15.61 -20.32
CA GLU B 45 -32.08 -14.59 -21.36
C GLU B 45 -31.85 -13.21 -20.79
N VAL B 46 -32.36 -12.95 -19.58
CA VAL B 46 -32.13 -11.66 -18.92
C VAL B 46 -30.73 -11.56 -18.35
N LYS B 47 -30.08 -12.69 -18.06
CA LYS B 47 -28.74 -12.66 -17.50
C LYS B 47 -27.70 -12.36 -18.58
N ASN B 48 -27.90 -12.88 -19.79
CA ASN B 48 -27.00 -12.56 -20.89
C ASN B 48 -27.06 -11.06 -21.21
N TRP B 49 -28.28 -10.50 -21.20
CA TRP B 49 -28.41 -9.06 -21.42
C TRP B 49 -27.75 -8.28 -20.27
N MET B 50 -27.87 -8.78 -19.05
CA MET B 50 -27.17 -8.17 -17.92
C MET B 50 -25.66 -8.15 -18.17
N THR B 51 -25.11 -9.28 -18.62
CA THR B 51 -23.66 -9.38 -18.79
C THR B 51 -23.14 -8.38 -19.82
N GLU B 52 -23.95 -8.06 -20.84
CA GLU B 52 -23.48 -7.17 -21.90
C GLU B 52 -23.55 -5.70 -21.50
N THR B 53 -24.45 -5.35 -20.59
CA THR B 53 -24.67 -3.95 -20.23
C THR B 53 -24.02 -3.57 -18.90
N LEU B 54 -24.29 -4.33 -17.84
CA LEU B 54 -23.83 -3.95 -16.51
C LEU B 54 -22.33 -4.12 -16.36
N LEU B 55 -21.79 -5.26 -16.81
CA LEU B 55 -20.38 -5.56 -16.59
C LEU B 55 -19.48 -4.45 -17.15
N VAL B 56 -19.77 -3.99 -18.36
CA VAL B 56 -18.94 -2.96 -18.98
C VAL B 56 -19.31 -1.57 -18.48
N GLN B 57 -20.48 -1.41 -17.86
CA GLN B 57 -20.93 -0.12 -17.37
C GLN B 57 -20.54 0.13 -15.91
N ASN B 58 -20.54 -0.91 -15.08
CA ASN B 58 -20.21 -0.78 -13.68
C ASN B 58 -18.72 -0.95 -13.39
N ALA B 59 -17.87 -0.76 -14.40
CA ALA B 59 -16.44 -0.76 -14.21
C ALA B 59 -15.95 0.63 -13.84
N ASN B 60 -14.79 0.68 -13.20
CA ASN B 60 -14.21 1.95 -12.76
C ASN B 60 -13.60 2.69 -13.95
N PRO B 61 -13.35 3.99 -13.80
CA PRO B 61 -12.91 4.77 -14.97
C PRO B 61 -11.62 4.29 -15.58
N ASP B 62 -10.74 3.65 -14.81
CA ASP B 62 -9.46 3.20 -15.35
C ASP B 62 -9.66 2.06 -16.34
N CYS B 63 -10.53 1.10 -16.01
CA CYS B 63 -10.79 -0.01 -16.93
C CYS B 63 -11.79 0.37 -18.01
N LYS B 64 -12.71 1.28 -17.73
CA LYS B 64 -13.76 1.61 -18.68
C LYS B 64 -13.19 2.24 -19.94
N THR B 65 -12.22 3.15 -19.79
CA THR B 65 -11.66 3.83 -20.96
C THR B 65 -11.01 2.84 -21.92
N ILE B 66 -10.49 1.73 -21.41
CA ILE B 66 -9.84 0.74 -22.25
C ILE B 66 -10.87 -0.17 -22.91
N LEU B 67 -11.84 -0.65 -22.12
CA LEU B 67 -12.92 -1.44 -22.70
C LEU B 67 -13.68 -0.65 -23.75
N LYS B 68 -13.86 0.65 -23.51
CA LYS B 68 -14.50 1.51 -24.50
C LYS B 68 -13.72 1.58 -25.79
N ALA B 69 -12.44 1.19 -25.77
CA ALA B 69 -11.60 1.18 -26.96
C ALA B 69 -11.65 -0.14 -27.71
N LEU B 70 -11.72 -1.26 -26.98
CA LEU B 70 -11.85 -2.55 -27.63
C LEU B 70 -13.04 -2.58 -28.59
N GLY B 71 -14.14 -1.95 -28.18
CA GLY B 71 -15.31 -1.88 -29.02
C GLY B 71 -16.22 -3.08 -28.81
N PRO B 72 -17.23 -3.23 -29.67
CA PRO B 72 -18.14 -4.36 -29.57
C PRO B 72 -17.55 -5.62 -30.18
N GLY B 73 -18.12 -6.75 -29.78
CA GLY B 73 -17.62 -8.04 -30.23
C GLY B 73 -16.47 -8.59 -29.41
N ALA B 74 -16.10 -7.92 -28.32
CA ALA B 74 -14.98 -8.34 -27.48
C ALA B 74 -15.43 -9.40 -26.49
N THR B 75 -14.77 -10.55 -26.50
CA THR B 75 -15.08 -11.62 -25.57
C THR B 75 -14.43 -11.35 -24.22
N LEU B 76 -14.81 -12.14 -23.22
CA LEU B 76 -14.21 -12.00 -21.89
C LEU B 76 -12.71 -12.18 -21.94
N GLU B 77 -12.26 -13.27 -22.58
CA GLU B 77 -10.83 -13.53 -22.68
C GLU B 77 -10.06 -12.38 -23.32
N GLU B 78 -10.75 -11.50 -24.04
CA GLU B 78 -10.11 -10.33 -24.64
C GLU B 78 -10.10 -9.13 -23.70
N MET B 79 -11.21 -8.88 -23.00
CA MET B 79 -11.26 -7.77 -22.06
C MET B 79 -10.28 -7.98 -20.91
N MET B 80 -10.39 -9.12 -20.23
CA MET B 80 -9.59 -9.37 -19.04
C MET B 80 -8.10 -9.29 -19.34
N THR B 81 -7.69 -9.75 -20.52
CA THR B 81 -6.29 -9.62 -20.92
C THR B 81 -5.89 -8.17 -21.13
N ALA B 82 -6.85 -7.30 -21.46
CA ALA B 82 -6.57 -5.88 -21.68
C ALA B 82 -6.54 -5.08 -20.38
N CYS B 83 -7.07 -5.62 -19.29
CA CYS B 83 -7.19 -4.88 -18.04
C CYS B 83 -6.25 -5.35 -16.94
N GLN B 84 -5.60 -6.51 -17.08
CA GLN B 84 -4.74 -7.00 -16.02
C GLN B 84 -3.46 -6.20 -15.87
N GLY B 85 -3.26 -5.16 -16.67
CA GLY B 85 -2.13 -4.27 -16.51
C GLY B 85 -2.49 -3.04 -15.70
N VAL B 86 -3.78 -2.72 -15.65
CA VAL B 86 -4.23 -1.53 -14.92
C VAL B 86 -3.81 -1.64 -13.47
N GLY B 87 -3.26 -0.55 -12.93
CA GLY B 87 -2.75 -0.53 -11.59
C GLY B 87 -1.35 -1.07 -11.43
N GLY B 88 -0.69 -1.43 -12.53
CA GLY B 88 0.67 -1.92 -12.47
C GLY B 88 1.67 -0.80 -12.68
N PRO B 89 2.96 -1.11 -12.53
CA PRO B 89 3.98 -0.07 -12.72
C PRO B 89 3.96 0.53 -14.11
N GLY B 90 3.95 -0.30 -15.16
CA GLY B 90 3.91 0.22 -16.51
C GLY B 90 2.69 1.10 -16.76
N HIS B 91 1.54 0.69 -16.23
CA HIS B 91 0.31 1.46 -16.42
C HIS B 91 0.43 2.83 -15.77
N LYS B 92 0.64 2.87 -14.45
CA LYS B 92 0.72 4.14 -13.73
C LYS B 92 1.70 5.10 -14.40
N ALA B 93 2.94 4.64 -14.60
CA ALA B 93 3.95 5.49 -15.23
C ALA B 93 3.45 6.05 -16.55
N ARG B 94 2.68 5.25 -17.29
CA ARG B 94 2.16 5.70 -18.58
C ARG B 94 1.01 6.68 -18.39
N VAL B 95 0.13 6.42 -17.42
CA VAL B 95 -0.98 7.33 -17.15
C VAL B 95 -0.47 8.61 -16.51
N LEU B 96 0.49 8.49 -15.60
CA LEU B 96 1.04 9.68 -14.94
C LEU B 96 1.84 10.53 -15.92
N ALA B 97 2.49 9.91 -16.90
CA ALA B 97 3.31 10.66 -17.86
C ALA B 97 2.46 11.55 -18.75
N GLU B 98 1.25 11.11 -19.10
CA GLU B 98 0.39 11.91 -19.96
C GLU B 98 -0.29 13.04 -19.20
N ALA B 99 -0.60 12.83 -17.92
CA ALA B 99 -1.22 13.88 -17.12
C ALA B 99 -0.38 15.14 -17.13
N MET B 100 0.90 15.03 -16.79
CA MET B 100 1.79 16.18 -16.81
C MET B 100 1.96 16.72 -18.23
N SER B 101 1.87 15.83 -19.23
CA SER B 101 1.99 16.25 -20.63
C SER B 101 0.74 16.97 -21.12
N GLN B 102 -0.44 16.56 -20.65
CA GLN B 102 -1.68 17.23 -21.02
C GLN B 102 -1.85 18.58 -20.33
N VAL B 103 -1.02 18.89 -19.34
CA VAL B 103 -1.08 20.17 -18.64
C VAL B 103 0.32 20.77 -18.52
N THR C 13 -22.69 2.81 18.15
CA THR C 13 -22.27 4.01 17.42
C THR C 13 -23.48 4.83 16.94
N SER C 14 -23.24 6.10 16.62
CA SER C 14 -24.29 7.02 16.23
C SER C 14 -23.95 7.64 14.88
N ILE C 15 -24.97 7.79 14.02
CA ILE C 15 -24.80 8.16 12.62
C ILE C 15 -23.90 9.37 12.46
N LEU C 16 -23.85 10.25 13.46
CA LEU C 16 -23.05 11.46 13.35
C LEU C 16 -21.56 11.19 13.44
N ASP C 17 -21.15 9.97 13.80
CA ASP C 17 -19.73 9.62 13.91
C ASP C 17 -19.21 8.87 12.70
N ILE C 18 -20.05 8.60 11.70
CA ILE C 18 -19.63 7.88 10.51
C ILE C 18 -19.00 8.89 9.54
N ARG C 19 -17.70 8.78 9.33
CA ARG C 19 -16.99 9.62 8.38
C ARG C 19 -16.26 8.75 7.37
N GLN C 20 -15.95 9.36 6.22
CA GLN C 20 -15.23 8.68 5.16
C GLN C 20 -13.74 8.83 5.41
N GLY C 21 -13.03 7.71 5.52
CA GLY C 21 -11.60 7.73 5.69
C GLY C 21 -10.91 8.50 4.58
N PRO C 22 -9.64 8.87 4.78
CA PRO C 22 -8.92 9.60 3.74
C PRO C 22 -8.61 8.74 2.52
N LYS C 23 -8.43 7.43 2.71
CA LYS C 23 -8.15 6.50 1.62
C LYS C 23 -9.30 5.54 1.38
N GLU C 24 -10.43 5.72 2.05
CA GLU C 24 -11.52 4.76 1.92
C GLU C 24 -12.33 5.04 0.65
N PRO C 25 -12.78 4.01 -0.06
CA PRO C 25 -13.62 4.25 -1.25
C PRO C 25 -15.01 4.73 -0.85
N PHE C 26 -15.59 5.55 -1.73
CA PHE C 26 -16.92 6.07 -1.46
C PHE C 26 -17.94 4.93 -1.36
N ARG C 27 -17.79 3.90 -2.20
CA ARG C 27 -18.67 2.75 -2.11
C ARG C 27 -18.64 2.12 -0.73
N ASP C 28 -17.44 1.97 -0.16
CA ASP C 28 -17.34 1.32 1.15
C ASP C 28 -17.86 2.22 2.25
N TYR C 29 -17.86 3.53 2.04
CA TYR C 29 -18.29 4.47 3.07
C TYR C 29 -19.82 4.64 3.08
N VAL C 30 -20.45 4.57 1.91
CA VAL C 30 -21.91 4.65 1.85
C VAL C 30 -22.57 3.42 2.46
N ASP C 31 -21.86 2.29 2.54
CA ASP C 31 -22.43 1.10 3.14
C ASP C 31 -22.48 1.21 4.66
N ARG C 32 -21.38 1.67 5.27
CA ARG C 32 -21.37 1.86 6.72
C ARG C 32 -22.36 2.94 7.12
N PHE C 33 -22.48 3.99 6.30
CA PHE C 33 -23.45 5.04 6.57
C PHE C 33 -24.86 4.47 6.61
N TYR C 34 -25.25 3.72 5.58
CA TYR C 34 -26.58 3.14 5.55
C TYR C 34 -26.71 2.01 6.57
N LYS C 35 -25.69 1.17 6.69
CA LYS C 35 -25.70 0.13 7.72
C LYS C 35 -25.91 0.74 9.09
N THR C 36 -25.29 1.90 9.33
CA THR C 36 -25.47 2.58 10.61
C THR C 36 -26.83 3.28 10.67
N LEU C 37 -27.24 3.93 9.59
CA LEU C 37 -28.52 4.63 9.59
C LEU C 37 -29.65 3.68 9.91
N ARG C 38 -29.62 2.45 9.36
CA ARG C 38 -30.64 1.47 9.66
C ARG C 38 -30.65 1.07 11.14
N ALA C 39 -29.61 1.42 11.88
CA ALA C 39 -29.54 1.12 13.31
C ALA C 39 -29.81 2.34 14.18
N GLU C 40 -29.64 3.54 13.66
CA GLU C 40 -29.92 4.74 14.45
C GLU C 40 -31.39 4.79 14.81
N GLN C 41 -31.67 5.09 16.07
CA GLN C 41 -33.05 5.16 16.56
C GLN C 41 -33.59 6.55 16.27
N ALA C 42 -34.37 6.66 15.19
CA ALA C 42 -35.00 7.90 14.79
C ALA C 42 -36.25 7.56 13.99
N SER C 43 -36.91 8.59 13.46
CA SER C 43 -38.07 8.39 12.60
C SER C 43 -37.62 8.32 11.15
N GLN C 44 -38.42 7.64 10.33
CA GLN C 44 -38.06 7.47 8.92
C GLN C 44 -37.95 8.82 8.22
N GLU C 45 -38.64 9.84 8.72
CA GLU C 45 -38.52 11.17 8.12
C GLU C 45 -37.17 11.80 8.46
N VAL C 46 -36.80 11.74 9.74
CA VAL C 46 -35.51 12.28 10.18
C VAL C 46 -34.35 11.55 9.50
N LYS C 47 -34.56 10.30 9.09
CA LYS C 47 -33.49 9.54 8.45
C LYS C 47 -33.26 9.99 7.02
N ASN C 48 -34.32 10.37 6.30
CA ASN C 48 -34.12 10.93 4.97
C ASN C 48 -33.44 12.30 5.05
N TRP C 49 -33.75 13.07 6.08
CA TRP C 49 -33.06 14.34 6.27
C TRP C 49 -31.61 14.13 6.67
N MET C 50 -31.32 13.04 7.39
CA MET C 50 -29.94 12.70 7.68
C MET C 50 -29.17 12.39 6.40
N THR C 51 -29.74 11.54 5.55
CA THR C 51 -29.07 11.13 4.32
C THR C 51 -28.83 12.32 3.40
N GLU C 52 -29.72 13.30 3.41
CA GLU C 52 -29.61 14.43 2.49
C GLU C 52 -28.59 15.47 2.94
N THR C 53 -28.18 15.44 4.20
CA THR C 53 -27.23 16.42 4.73
C THR C 53 -25.92 15.80 5.17
N LEU C 54 -25.96 14.75 6.00
CA LEU C 54 -24.73 14.19 6.55
C LEU C 54 -23.91 13.45 5.50
N LEU C 55 -24.57 12.66 4.65
CA LEU C 55 -23.85 11.78 3.74
C LEU C 55 -22.79 12.53 2.93
N VAL C 56 -23.08 13.78 2.55
CA VAL C 56 -22.15 14.56 1.74
C VAL C 56 -21.16 15.32 2.62
N GLN C 57 -21.61 15.84 3.75
CA GLN C 57 -20.73 16.61 4.63
C GLN C 57 -19.59 15.73 5.16
N ASN C 58 -19.90 14.50 5.55
CA ASN C 58 -18.93 13.62 6.17
C ASN C 58 -18.05 12.89 5.16
N ALA C 59 -18.07 13.29 3.89
CA ALA C 59 -17.17 12.71 2.91
C ALA C 59 -15.83 13.43 2.94
N ASN C 60 -14.78 12.72 2.49
CA ASN C 60 -13.45 13.29 2.48
C ASN C 60 -13.34 14.36 1.40
N PRO C 61 -12.31 15.22 1.47
CA PRO C 61 -12.24 16.35 0.54
C PRO C 61 -12.18 15.95 -0.93
N ASP C 62 -11.52 14.84 -1.27
CA ASP C 62 -11.41 14.45 -2.67
C ASP C 62 -12.79 14.16 -3.26
N CYS C 63 -13.57 13.33 -2.58
CA CYS C 63 -14.93 13.04 -3.04
C CYS C 63 -15.81 14.28 -2.94
N LYS C 64 -15.65 15.06 -1.86
CA LYS C 64 -16.47 16.25 -1.68
C LYS C 64 -16.31 17.22 -2.85
N THR C 65 -15.08 17.41 -3.32
CA THR C 65 -14.84 18.29 -4.45
C THR C 65 -15.64 17.84 -5.67
N ILE C 66 -15.72 16.54 -5.91
CA ILE C 66 -16.44 16.03 -7.07
C ILE C 66 -17.95 16.20 -6.86
N LEU C 67 -18.43 15.97 -5.64
CA LEU C 67 -19.87 16.01 -5.39
C LEU C 67 -20.39 17.44 -5.43
N LYS C 68 -19.64 18.39 -4.89
CA LYS C 68 -20.09 19.78 -4.89
C LYS C 68 -20.07 20.40 -6.28
N ALA C 69 -19.50 19.70 -7.28
CA ALA C 69 -19.55 20.17 -8.65
C ALA C 69 -20.83 19.75 -9.34
N LEU C 70 -21.35 18.56 -9.01
CA LEU C 70 -22.60 18.10 -9.62
C LEU C 70 -23.75 19.02 -9.23
N GLY C 71 -23.96 19.21 -7.93
CA GLY C 71 -25.01 20.07 -7.45
C GLY C 71 -26.17 19.28 -6.86
N PRO C 72 -27.30 19.94 -6.66
CA PRO C 72 -28.47 19.25 -6.09
C PRO C 72 -29.22 18.45 -7.14
N GLY C 73 -29.99 17.47 -6.65
CA GLY C 73 -30.76 16.60 -7.51
C GLY C 73 -30.04 15.35 -7.96
N ALA C 74 -28.78 15.17 -7.60
CA ALA C 74 -28.03 13.99 -7.98
C ALA C 74 -28.37 12.82 -7.08
N THR C 75 -28.61 11.66 -7.68
CA THR C 75 -28.95 10.45 -6.94
C THR C 75 -27.68 9.71 -6.55
N LEU C 76 -27.84 8.74 -5.64
CA LEU C 76 -26.72 7.88 -5.28
C LEU C 76 -26.08 7.27 -6.51
N GLU C 77 -26.90 6.78 -7.44
CA GLU C 77 -26.37 6.19 -8.67
C GLU C 77 -25.48 7.17 -9.41
N GLU C 78 -25.77 8.46 -9.31
CA GLU C 78 -24.96 9.47 -9.99
C GLU C 78 -23.71 9.83 -9.19
N MET C 79 -23.85 9.95 -7.86
CA MET C 79 -22.69 10.25 -7.02
C MET C 79 -21.69 9.09 -7.04
N MET C 80 -22.16 7.88 -6.71
CA MET C 80 -21.27 6.73 -6.61
C MET C 80 -20.50 6.51 -7.90
N THR C 81 -21.15 6.72 -9.04
CA THR C 81 -20.47 6.57 -10.32
C THR C 81 -19.45 7.68 -10.55
N ALA C 82 -19.59 8.82 -9.88
CA ALA C 82 -18.68 9.95 -10.04
C ALA C 82 -17.49 9.88 -9.09
N CYS C 83 -17.53 9.02 -8.06
CA CYS C 83 -16.47 8.94 -7.08
C CYS C 83 -15.68 7.64 -7.11
N GLN C 84 -16.12 6.64 -7.88
CA GLN C 84 -15.36 5.39 -7.94
C GLN C 84 -14.07 5.53 -8.72
N GLY C 85 -13.69 6.73 -9.14
CA GLY C 85 -12.40 6.98 -9.74
C GLY C 85 -11.41 7.54 -8.74
N VAL C 86 -11.91 8.15 -7.68
CA VAL C 86 -11.05 8.72 -6.65
C VAL C 86 -10.17 7.62 -6.07
N GLY C 87 -8.87 7.87 -6.06
CA GLY C 87 -7.91 6.90 -5.57
C GLY C 87 -7.37 5.97 -6.63
N GLY C 88 -7.66 6.22 -7.90
CA GLY C 88 -7.17 5.39 -8.98
C GLY C 88 -5.99 6.00 -9.69
N PRO C 89 -5.36 5.23 -10.59
CA PRO C 89 -4.20 5.79 -11.32
C PRO C 89 -4.53 7.05 -12.10
N GLY C 90 -5.61 7.02 -12.88
CA GLY C 90 -5.97 8.21 -13.65
C GLY C 90 -6.31 9.40 -12.76
N HIS C 91 -7.03 9.15 -11.66
CA HIS C 91 -7.43 10.24 -10.78
C HIS C 91 -6.23 10.83 -10.05
N LYS C 92 -5.43 9.97 -9.40
CA LYS C 92 -4.24 10.45 -8.71
C LYS C 92 -3.39 11.32 -9.62
N ALA C 93 -3.04 10.81 -10.80
CA ALA C 93 -2.22 11.58 -11.72
C ALA C 93 -2.87 12.90 -12.09
N ARG C 94 -4.19 12.89 -12.28
CA ARG C 94 -4.89 14.09 -12.70
C ARG C 94 -4.83 15.19 -11.64
N VAL C 95 -4.84 14.81 -10.36
CA VAL C 95 -4.74 15.80 -9.28
C VAL C 95 -3.31 16.29 -9.12
N LEU C 96 -2.34 15.38 -9.16
CA LEU C 96 -0.93 15.75 -9.01
C LEU C 96 -0.46 16.67 -10.14
N ALA C 97 -1.20 16.73 -11.25
CA ALA C 97 -0.81 17.59 -12.36
C ALA C 97 -1.27 19.03 -12.13
N GLU C 98 -2.58 19.22 -11.94
CA GLU C 98 -3.11 20.56 -11.72
C GLU C 98 -2.39 21.27 -10.58
N ALA C 99 -2.00 20.53 -9.55
CA ALA C 99 -1.27 21.14 -8.44
C ALA C 99 0.12 21.56 -8.89
N MET C 100 0.86 20.66 -9.56
CA MET C 100 2.20 20.99 -10.01
C MET C 100 2.17 22.16 -10.99
N SER C 101 1.25 22.13 -11.96
CA SER C 101 1.14 23.23 -12.91
C SER C 101 0.67 24.50 -12.23
N GLN C 102 -0.31 24.39 -11.34
CA GLN C 102 -0.81 25.54 -10.58
C GLN C 102 0.02 25.77 -9.32
N VAL C 103 1.33 25.74 -9.47
CA VAL C 103 2.24 25.95 -8.34
C VAL C 103 3.66 26.17 -8.86
N THR C 104 4.47 25.12 -8.85
CA THR C 104 5.87 25.22 -9.26
C THR C 104 5.98 25.55 -10.74
N THR D 13 -1.13 -0.53 29.76
CA THR D 13 -1.72 0.46 28.87
C THR D 13 -2.02 1.76 29.63
N SER D 14 -1.36 2.84 29.22
CA SER D 14 -1.55 4.15 29.82
C SER D 14 -1.88 5.16 28.74
N ILE D 15 -2.64 6.19 29.13
CA ILE D 15 -3.06 7.20 28.17
C ILE D 15 -1.88 7.96 27.57
N LEU D 16 -0.75 7.99 28.27
CA LEU D 16 0.40 8.75 27.79
C LEU D 16 1.19 8.01 26.71
N ASP D 17 0.87 6.74 26.43
CA ASP D 17 1.56 5.99 25.40
C ASP D 17 0.86 6.06 24.04
N ILE D 18 -0.40 6.47 24.01
CA ILE D 18 -1.16 6.52 22.76
C ILE D 18 -0.57 7.61 21.88
N ARG D 19 -0.02 7.21 20.72
CA ARG D 19 0.48 8.14 19.73
C ARG D 19 -0.09 7.79 18.37
N GLN D 20 -0.22 8.80 17.51
CA GLN D 20 -0.72 8.59 16.16
C GLN D 20 0.39 8.09 15.26
N GLY D 21 0.16 6.98 14.59
CA GLY D 21 1.11 6.46 13.64
C GLY D 21 1.37 7.46 12.52
N PRO D 22 2.45 7.26 11.77
CA PRO D 22 2.77 8.22 10.70
C PRO D 22 1.83 8.12 9.50
N LYS D 23 1.15 6.99 9.32
CA LYS D 23 0.16 6.84 8.26
C LYS D 23 -1.24 6.55 8.79
N GLU D 24 -1.44 6.56 10.10
CA GLU D 24 -2.73 6.21 10.66
C GLU D 24 -3.71 7.35 10.43
N PRO D 25 -4.92 7.09 9.87
CA PRO D 25 -5.94 8.13 9.81
C PRO D 25 -6.14 8.84 11.14
N PHE D 26 -6.65 10.08 11.11
CA PHE D 26 -6.90 10.80 12.34
C PHE D 26 -8.15 10.31 13.06
N ARG D 27 -9.11 9.74 12.34
CA ARG D 27 -10.30 9.18 12.98
C ARG D 27 -9.94 7.94 13.81
N ASP D 28 -9.01 7.12 13.32
CA ASP D 28 -8.64 5.89 14.00
C ASP D 28 -7.70 6.14 15.17
N TYR D 29 -7.07 7.32 15.27
CA TYR D 29 -6.24 7.68 16.41
C TYR D 29 -7.07 8.27 17.53
N VAL D 30 -8.11 9.04 17.19
CA VAL D 30 -9.00 9.58 18.21
C VAL D 30 -9.84 8.46 18.83
N ASP D 31 -10.07 7.38 18.07
CA ASP D 31 -10.86 6.27 18.59
C ASP D 31 -10.09 5.52 19.68
N ARG D 32 -8.78 5.33 19.48
CA ARG D 32 -7.99 4.62 20.49
C ARG D 32 -7.71 5.50 21.70
N PHE D 33 -7.54 6.80 21.49
CA PHE D 33 -7.32 7.72 22.61
C PHE D 33 -8.48 7.66 23.59
N TYR D 34 -9.71 7.76 23.08
CA TYR D 34 -10.88 7.72 23.96
C TYR D 34 -11.13 6.30 24.46
N LYS D 35 -10.88 5.29 23.62
CA LYS D 35 -10.95 3.92 24.10
C LYS D 35 -10.00 3.70 25.27
N THR D 36 -8.82 4.33 25.21
CA THR D 36 -7.86 4.24 26.31
C THR D 36 -8.24 5.17 27.45
N LEU D 37 -8.73 6.37 27.12
CA LEU D 37 -9.03 7.35 28.16
C LEU D 37 -10.11 6.84 29.11
N ARG D 38 -11.15 6.20 28.56
CA ARG D 38 -12.24 5.70 29.39
C ARG D 38 -11.80 4.59 30.33
N ALA D 39 -10.56 4.09 30.20
CA ALA D 39 -10.05 3.05 31.07
C ALA D 39 -9.04 3.56 32.09
N GLU D 40 -8.39 4.69 31.83
CA GLU D 40 -7.40 5.20 32.76
C GLU D 40 -8.05 5.56 34.09
N GLN D 41 -7.35 5.27 35.19
CA GLN D 41 -7.87 5.51 36.52
C GLN D 41 -7.65 6.98 36.90
N ALA D 42 -8.71 7.77 36.88
CA ALA D 42 -8.65 9.18 37.24
C ALA D 42 -10.07 9.72 37.27
N SER D 43 -10.21 10.94 37.77
CA SER D 43 -11.51 11.58 37.85
C SER D 43 -11.81 12.33 36.55
N GLN D 44 -13.10 12.61 36.34
CA GLN D 44 -13.54 13.24 35.09
C GLN D 44 -12.77 14.53 34.82
N GLU D 45 -12.56 15.35 35.85
CA GLU D 45 -11.82 16.59 35.66
C GLU D 45 -10.43 16.34 35.09
N VAL D 46 -9.74 15.33 35.61
CA VAL D 46 -8.39 15.03 35.14
C VAL D 46 -8.44 14.50 33.72
N LYS D 47 -9.51 13.78 33.37
CA LYS D 47 -9.64 13.24 32.02
C LYS D 47 -9.95 14.33 31.00
N ASN D 48 -10.68 15.37 31.40
CA ASN D 48 -10.95 16.48 30.49
C ASN D 48 -9.69 17.30 30.23
N TRP D 49 -8.80 17.40 31.23
CA TRP D 49 -7.53 18.08 31.03
C TRP D 49 -6.57 17.25 30.17
N MET D 50 -6.63 15.93 30.30
CA MET D 50 -5.86 15.05 29.40
C MET D 50 -6.25 15.28 27.95
N THR D 51 -7.55 15.35 27.68
CA THR D 51 -8.04 15.46 26.30
C THR D 51 -7.51 16.72 25.63
N GLU D 52 -7.51 17.84 26.34
CA GLU D 52 -7.10 19.11 25.74
C GLU D 52 -5.59 19.16 25.47
N THR D 53 -4.79 18.50 26.31
CA THR D 53 -3.35 18.53 26.16
C THR D 53 -2.82 17.35 25.33
N LEU D 54 -3.19 16.13 25.71
CA LEU D 54 -2.57 14.94 25.11
C LEU D 54 -3.05 14.73 23.67
N LEU D 55 -4.36 14.86 23.43
CA LEU D 55 -4.91 14.46 22.13
C LEU D 55 -4.20 15.15 20.98
N VAL D 56 -4.00 16.46 21.07
CA VAL D 56 -3.33 17.20 20.01
C VAL D 56 -1.83 16.98 20.05
N GLN D 57 -1.25 16.83 21.24
CA GLN D 57 0.19 16.72 21.37
C GLN D 57 0.70 15.43 20.71
N ASN D 58 -0.02 14.33 20.89
CA ASN D 58 0.41 13.03 20.39
C ASN D 58 -0.01 12.77 18.94
N ALA D 59 -0.42 13.80 18.22
CA ALA D 59 -0.74 13.65 16.81
C ALA D 59 0.52 13.75 15.96
N ASN D 60 0.49 13.11 14.80
CA ASN D 60 1.65 13.10 13.92
C ASN D 60 1.81 14.47 13.25
N PRO D 61 3.01 14.75 12.70
CA PRO D 61 3.28 16.11 12.22
C PRO D 61 2.27 16.64 11.21
N ASP D 62 1.66 15.76 10.41
CA ASP D 62 0.74 16.23 9.38
C ASP D 62 -0.61 16.63 9.98
N CYS D 63 -1.16 15.80 10.84
CA CYS D 63 -2.40 16.12 11.54
C CYS D 63 -2.19 17.11 12.68
N LYS D 64 -1.03 17.75 12.75
CA LYS D 64 -0.70 18.71 13.79
C LYS D 64 -0.53 20.12 13.27
N THR D 65 0.14 20.29 12.12
CA THR D 65 0.26 21.61 11.52
C THR D 65 -1.10 22.15 11.09
N ILE D 66 -2.04 21.27 10.74
CA ILE D 66 -3.38 21.72 10.39
C ILE D 66 -4.13 22.19 11.63
N LEU D 67 -4.03 21.44 12.72
CA LEU D 67 -4.72 21.81 13.96
C LEU D 67 -4.13 23.08 14.56
N LYS D 68 -2.81 23.22 14.53
CA LYS D 68 -2.19 24.44 15.02
C LYS D 68 -2.66 25.68 14.27
N ALA D 69 -3.34 25.53 13.13
CA ALA D 69 -3.80 26.66 12.34
C ALA D 69 -5.28 26.97 12.53
N LEU D 70 -6.04 26.10 13.20
CA LEU D 70 -7.37 26.49 13.66
C LEU D 70 -7.27 27.38 14.89
N GLY D 71 -6.42 27.00 15.84
CA GLY D 71 -6.29 27.72 17.08
C GLY D 71 -7.14 27.10 18.16
N PRO D 72 -7.30 27.79 19.28
CA PRO D 72 -8.16 27.28 20.36
C PRO D 72 -9.63 27.48 20.04
N GLY D 73 -10.46 26.65 20.70
CA GLY D 73 -11.89 26.75 20.60
C GLY D 73 -12.52 25.76 19.64
N ALA D 74 -11.76 25.26 18.67
CA ALA D 74 -12.31 24.31 17.71
C ALA D 74 -12.58 22.98 18.39
N THR D 75 -13.80 22.50 18.29
CA THR D 75 -14.19 21.24 18.92
C THR D 75 -13.63 20.07 18.10
N LEU D 76 -13.96 18.85 18.54
CA LEU D 76 -13.49 17.66 17.84
C LEU D 76 -14.02 17.63 16.41
N GLU D 77 -15.35 17.55 16.25
CA GLU D 77 -15.95 17.52 14.92
C GLU D 77 -15.40 18.64 14.04
N GLU D 78 -14.92 19.74 14.61
CA GLU D 78 -14.30 20.80 13.84
C GLU D 78 -12.91 20.40 13.37
N MET D 79 -12.16 19.67 14.19
CA MET D 79 -10.83 19.22 13.80
C MET D 79 -10.90 18.03 12.85
N MET D 80 -11.66 17.00 13.24
CA MET D 80 -11.71 15.78 12.44
C MET D 80 -12.07 16.07 10.99
N THR D 81 -12.93 17.06 10.77
CA THR D 81 -13.26 17.43 9.39
C THR D 81 -12.08 18.12 8.72
N ALA D 82 -11.20 18.73 9.50
CA ALA D 82 -10.02 19.40 8.94
C ALA D 82 -8.87 18.43 8.68
N CYS D 83 -8.89 17.25 9.31
CA CYS D 83 -7.80 16.29 9.20
C CYS D 83 -8.15 15.07 8.39
N GLN D 84 -9.40 14.91 7.94
CA GLN D 84 -9.75 13.72 7.18
C GLN D 84 -9.21 13.75 5.76
N GLY D 85 -8.51 14.82 5.36
CA GLY D 85 -7.89 14.87 4.04
C GLY D 85 -6.48 14.32 4.04
N VAL D 86 -5.82 14.35 5.19
CA VAL D 86 -4.44 13.86 5.28
C VAL D 86 -4.40 12.43 4.78
N GLY D 87 -3.46 12.15 3.88
CA GLY D 87 -3.30 10.82 3.31
C GLY D 87 -4.18 10.55 2.11
N GLY D 88 -5.21 11.35 1.87
CA GLY D 88 -6.00 11.22 0.67
C GLY D 88 -5.16 11.47 -0.57
N PRO D 89 -5.69 11.15 -1.74
CA PRO D 89 -4.94 11.35 -2.98
C PRO D 89 -4.91 12.79 -3.48
N GLY D 90 -5.45 13.74 -2.72
CA GLY D 90 -5.36 15.14 -3.06
C GLY D 90 -4.49 15.90 -2.07
N HIS D 91 -4.22 15.26 -0.94
CA HIS D 91 -3.34 15.86 0.08
C HIS D 91 -1.88 15.72 -0.31
N LYS D 92 -1.44 14.51 -0.64
CA LYS D 92 -0.05 14.29 -1.05
C LYS D 92 0.33 15.22 -2.19
N ALA D 93 -0.53 15.34 -3.21
CA ALA D 93 -0.23 16.19 -4.35
C ALA D 93 0.03 17.63 -3.93
N ARG D 94 -0.68 18.12 -2.90
CA ARG D 94 -0.48 19.48 -2.43
C ARG D 94 0.82 19.62 -1.67
N VAL D 95 1.09 18.72 -0.72
CA VAL D 95 2.33 18.77 0.05
C VAL D 95 3.54 18.64 -0.87
N LEU D 96 3.47 17.71 -1.84
CA LEU D 96 4.60 17.46 -2.72
C LEU D 96 4.90 18.65 -3.62
N ALA D 97 3.89 19.47 -3.92
CA ALA D 97 4.10 20.59 -4.83
C ALA D 97 4.84 21.74 -4.15
N GLU D 98 4.54 22.01 -2.88
CA GLU D 98 5.23 23.07 -2.17
C GLU D 98 6.67 22.70 -1.86
N ALA D 99 6.94 21.41 -1.61
CA ALA D 99 8.30 20.98 -1.33
C ALA D 99 9.22 21.27 -2.50
N MET D 100 8.74 21.05 -3.73
CA MET D 100 9.54 21.32 -4.92
C MET D 100 9.83 22.81 -5.03
N SER D 101 8.78 23.64 -4.92
CA SER D 101 8.93 25.09 -5.04
C SER D 101 9.71 25.70 -3.88
N GLN D 102 10.08 24.92 -2.87
CA GLN D 102 10.90 25.39 -1.77
C GLN D 102 12.39 25.13 -1.98
N VAL D 103 12.75 24.34 -2.99
CA VAL D 103 14.15 24.05 -3.29
C VAL D 103 14.39 24.20 -4.79
N THR E 13 13.40 -15.77 20.27
CA THR E 13 13.59 -14.45 19.70
C THR E 13 14.61 -13.65 20.51
N SER E 14 15.85 -13.60 20.03
CA SER E 14 16.89 -12.87 20.72
C SER E 14 16.61 -11.37 20.68
N ILE E 15 17.33 -10.62 21.51
CA ILE E 15 17.22 -9.16 21.49
C ILE E 15 18.00 -8.58 20.32
N LEU E 16 19.13 -9.19 19.97
CA LEU E 16 19.93 -8.73 18.85
C LEU E 16 19.31 -9.04 17.50
N ASP E 17 18.26 -9.86 17.48
CA ASP E 17 17.57 -10.20 16.24
C ASP E 17 16.44 -9.23 15.93
N ILE E 18 16.14 -8.29 16.82
CA ILE E 18 15.07 -7.32 16.60
C ILE E 18 15.64 -6.15 15.81
N ARG E 19 15.14 -5.96 14.59
CA ARG E 19 15.51 -4.82 13.76
C ARG E 19 14.26 -4.12 13.29
N GLN E 20 14.44 -2.89 12.82
CA GLN E 20 13.33 -2.07 12.33
C GLN E 20 13.18 -2.30 10.83
N GLY E 21 12.00 -2.75 10.42
CA GLY E 21 11.68 -2.89 9.02
C GLY E 21 11.85 -1.57 8.30
N PRO E 22 11.92 -1.61 6.97
CA PRO E 22 12.09 -0.36 6.21
C PRO E 22 10.87 0.53 6.26
N LYS E 23 9.67 -0.04 6.23
CA LYS E 23 8.42 0.70 6.27
C LYS E 23 7.77 0.68 7.65
N GLU E 24 8.36 -0.03 8.61
CA GLU E 24 7.73 -0.16 9.92
C GLU E 24 7.85 1.15 10.68
N PRO E 25 6.77 1.62 11.33
CA PRO E 25 6.87 2.83 12.15
C PRO E 25 7.77 2.61 13.36
N PHE E 26 8.31 3.72 13.86
CA PHE E 26 9.21 3.66 15.01
C PHE E 26 8.47 3.20 16.27
N ARG E 27 7.25 3.69 16.48
CA ARG E 27 6.47 3.28 17.64
C ARG E 27 6.32 1.76 17.69
N ASP E 28 6.07 1.13 16.54
CA ASP E 28 5.88 -0.31 16.52
C ASP E 28 7.18 -1.05 16.77
N TYR E 29 8.28 -0.57 16.19
CA TYR E 29 9.58 -1.22 16.39
C TYR E 29 9.99 -1.18 17.85
N VAL E 30 9.84 -0.04 18.51
CA VAL E 30 10.18 0.07 19.93
C VAL E 30 9.32 -0.86 20.77
N ASP E 31 8.05 -1.06 20.38
CA ASP E 31 7.19 -1.97 21.12
C ASP E 31 7.73 -3.40 21.08
N ARG E 32 8.17 -3.85 19.91
CA ARG E 32 8.72 -5.19 19.80
C ARG E 32 10.04 -5.30 20.55
N PHE E 33 10.88 -4.26 20.46
CA PHE E 33 12.16 -4.27 21.17
C PHE E 33 11.95 -4.48 22.65
N TYR E 34 11.03 -3.73 23.26
CA TYR E 34 10.77 -3.90 24.68
C TYR E 34 10.02 -5.20 24.96
N LYS E 35 9.10 -5.57 24.07
CA LYS E 35 8.39 -6.84 24.25
C LYS E 35 9.37 -8.01 24.31
N THR E 36 10.39 -7.98 23.45
CA THR E 36 11.40 -9.04 23.46
C THR E 36 12.43 -8.85 24.56
N LEU E 37 12.76 -7.60 24.89
CA LEU E 37 13.75 -7.35 25.93
C LEU E 37 13.25 -7.82 27.29
N ARG E 38 11.94 -7.67 27.54
CA ARG E 38 11.37 -8.11 28.81
C ARG E 38 11.46 -9.63 28.99
N ALA E 39 11.59 -10.38 27.89
CA ALA E 39 11.67 -11.83 27.96
C ALA E 39 13.11 -12.35 28.04
N GLU E 40 14.10 -11.50 27.80
CA GLU E 40 15.48 -11.92 27.83
C GLU E 40 15.89 -12.36 29.23
N GLN E 41 16.76 -13.36 29.28
CA GLN E 41 17.34 -13.83 30.54
C GLN E 41 18.68 -13.13 30.74
N ALA E 42 18.69 -12.11 31.59
CA ALA E 42 19.89 -11.33 31.84
C ALA E 42 19.62 -10.45 33.07
N SER E 43 20.60 -9.64 33.42
CA SER E 43 20.48 -8.74 34.56
C SER E 43 19.96 -7.38 34.12
N GLN E 44 19.43 -6.64 35.09
CA GLN E 44 18.86 -5.33 34.80
C GLN E 44 19.90 -4.38 34.25
N GLU E 45 21.09 -4.34 34.85
CA GLU E 45 22.14 -3.45 34.37
C GLU E 45 22.45 -3.70 32.90
N VAL E 46 22.44 -4.98 32.48
CA VAL E 46 22.71 -5.30 31.09
C VAL E 46 21.56 -4.81 30.19
N LYS E 47 20.32 -5.02 30.63
CA LYS E 47 19.17 -4.64 29.83
C LYS E 47 19.16 -3.15 29.54
N ASN E 48 19.49 -2.33 30.55
CA ASN E 48 19.55 -0.89 30.32
C ASN E 48 20.66 -0.54 29.33
N TRP E 49 21.79 -1.24 29.43
CA TRP E 49 22.89 -0.99 28.48
C TRP E 49 22.48 -1.41 27.07
N MET E 50 21.70 -2.48 26.94
CA MET E 50 21.16 -2.86 25.64
C MET E 50 20.38 -1.71 25.01
N THR E 51 19.40 -1.18 25.75
CA THR E 51 18.56 -0.11 25.23
C THR E 51 19.38 1.08 24.76
N GLU E 52 20.43 1.43 25.51
CA GLU E 52 21.23 2.59 25.16
C GLU E 52 21.98 2.39 23.86
N THR E 53 22.39 1.17 23.56
CA THR E 53 23.21 0.88 22.38
C THR E 53 22.37 0.33 21.22
N LEU E 54 21.62 -0.76 21.46
CA LEU E 54 20.95 -1.44 20.37
C LEU E 54 19.79 -0.63 19.80
N LEU E 55 19.01 0.02 20.66
CA LEU E 55 17.75 0.62 20.22
C LEU E 55 17.93 1.55 19.02
N VAL E 56 18.95 2.41 19.08
CA VAL E 56 19.21 3.36 17.98
C VAL E 56 20.08 2.75 16.89
N GLN E 57 20.78 1.65 17.16
CA GLN E 57 21.65 1.04 16.16
C GLN E 57 20.85 0.19 15.15
N ASN E 58 19.88 -0.58 15.63
CA ASN E 58 19.08 -1.44 14.77
C ASN E 58 17.93 -0.69 14.10
N ALA E 59 17.92 0.64 14.14
CA ALA E 59 16.88 1.41 13.48
C ALA E 59 17.22 1.62 12.01
N ASN E 60 16.17 1.83 11.20
CA ASN E 60 16.36 2.00 9.77
C ASN E 60 17.03 3.35 9.49
N PRO E 61 17.67 3.49 8.32
CA PRO E 61 18.45 4.72 8.05
C PRO E 61 17.66 6.00 8.22
N ASP E 62 16.36 5.99 7.97
CA ASP E 62 15.57 7.22 8.07
C ASP E 62 15.45 7.68 9.52
N CYS E 63 14.90 6.83 10.39
CA CYS E 63 14.82 7.17 11.81
C CYS E 63 16.20 7.40 12.40
N LYS E 64 17.22 6.72 11.88
CA LYS E 64 18.57 6.85 12.42
C LYS E 64 19.15 8.23 12.12
N THR E 65 18.99 8.71 10.89
CA THR E 65 19.48 10.04 10.54
C THR E 65 18.81 11.12 11.38
N ILE E 66 17.54 10.92 11.72
CA ILE E 66 16.84 11.89 12.56
C ILE E 66 17.18 11.71 14.03
N LEU E 67 17.68 10.54 14.43
CA LEU E 67 18.06 10.34 15.82
C LEU E 67 19.47 10.85 16.11
N LYS E 68 20.38 10.75 15.15
CA LYS E 68 21.73 11.27 15.34
C LYS E 68 21.78 12.78 15.39
N ALA E 69 20.67 13.46 15.10
CA ALA E 69 20.60 14.91 15.25
C ALA E 69 20.23 15.31 16.68
N LEU E 70 19.36 14.54 17.33
CA LEU E 70 19.04 14.81 18.73
C LEU E 70 20.28 14.68 19.61
N GLY E 71 21.19 13.78 19.26
CA GLY E 71 22.40 13.58 20.01
C GLY E 71 22.15 12.79 21.29
N PRO E 72 23.13 12.79 22.19
CA PRO E 72 22.97 12.09 23.46
C PRO E 72 22.12 12.88 24.42
N GLY E 73 21.54 12.16 25.38
CA GLY E 73 20.65 12.75 26.36
C GLY E 73 19.20 12.76 25.96
N ALA E 74 18.88 12.48 24.69
CA ALA E 74 17.50 12.41 24.27
C ALA E 74 16.82 11.20 24.92
N THR E 75 15.56 11.38 25.30
CA THR E 75 14.81 10.36 26.01
C THR E 75 13.91 9.59 25.06
N LEU E 76 13.35 8.50 25.58
CA LEU E 76 12.44 7.66 24.80
C LEU E 76 11.18 8.42 24.39
N GLU E 77 10.93 9.60 24.95
CA GLU E 77 9.81 10.44 24.55
C GLU E 77 10.20 11.50 23.53
N GLU E 78 11.45 11.94 23.54
CA GLU E 78 11.91 12.88 22.53
C GLU E 78 12.18 12.18 21.20
N MET E 79 12.71 10.97 21.24
CA MET E 79 12.95 10.21 20.02
C MET E 79 11.64 9.93 19.30
N MET E 80 10.67 9.34 20.01
CA MET E 80 9.42 8.96 19.37
C MET E 80 8.67 10.17 18.81
N THR E 81 8.79 11.33 19.45
CA THR E 81 8.21 12.55 18.90
C THR E 81 8.96 13.01 17.66
N ALA E 82 10.23 12.65 17.53
CA ALA E 82 11.04 13.06 16.39
C ALA E 82 10.92 12.13 15.20
N CYS E 83 10.32 10.95 15.36
CA CYS E 83 10.27 9.95 14.30
C CYS E 83 8.87 9.60 13.83
N GLN E 84 7.82 10.06 14.50
CA GLN E 84 6.48 9.71 14.05
C GLN E 84 6.07 10.43 12.77
N GLY E 85 6.97 11.22 12.19
CA GLY E 85 6.74 11.82 10.88
C GLY E 85 7.31 10.97 9.76
N VAL E 86 8.31 10.14 10.10
CA VAL E 86 8.93 9.27 9.11
C VAL E 86 7.85 8.39 8.47
N GLY E 87 7.81 8.41 7.14
CA GLY E 87 6.80 7.66 6.42
C GLY E 87 5.51 8.40 6.19
N GLY E 88 5.45 9.70 6.51
CA GLY E 88 4.26 10.48 6.32
C GLY E 88 4.32 11.33 5.07
N PRO E 89 3.22 12.00 4.73
CA PRO E 89 3.22 12.86 3.53
C PRO E 89 4.25 13.98 3.61
N GLY E 90 4.30 14.70 4.73
CA GLY E 90 5.27 15.78 4.84
C GLY E 90 6.70 15.29 4.75
N HIS E 91 6.98 14.12 5.33
CA HIS E 91 8.33 13.57 5.28
C HIS E 91 8.70 13.17 3.85
N LYS E 92 7.88 12.33 3.23
CA LYS E 92 8.18 11.82 1.90
C LYS E 92 8.44 12.95 0.91
N ALA E 93 7.60 13.99 0.92
CA ALA E 93 7.81 15.11 0.02
C ALA E 93 9.13 15.82 0.33
N ARG E 94 9.47 15.95 1.61
CA ARG E 94 10.72 16.60 1.98
C ARG E 94 11.93 15.77 1.57
N VAL E 95 11.82 14.45 1.68
CA VAL E 95 12.94 13.58 1.30
C VAL E 95 13.10 13.57 -0.22
N LEU E 96 12.00 13.62 -0.95
CA LEU E 96 12.06 13.55 -2.41
C LEU E 96 12.63 14.83 -3.01
N ALA E 97 12.17 15.99 -2.52
CA ALA E 97 12.64 17.26 -3.06
C ALA E 97 14.15 17.42 -2.87
N GLU E 98 14.65 17.07 -1.69
CA GLU E 98 16.08 17.23 -1.42
C GLU E 98 16.93 16.39 -2.37
N ALA E 99 16.42 15.23 -2.79
CA ALA E 99 17.19 14.37 -3.68
C ALA E 99 17.14 14.87 -5.12
N MET E 100 15.97 15.32 -5.58
CA MET E 100 15.85 15.81 -6.95
C MET E 100 16.76 17.00 -7.19
N SER E 101 16.75 17.97 -6.27
CA SER E 101 17.58 19.16 -6.40
C SER E 101 19.07 18.87 -6.25
N GLN E 102 19.44 17.62 -5.96
CA GLN E 102 20.85 17.25 -5.85
C GLN E 102 21.43 16.74 -7.17
N VAL E 103 20.59 16.41 -8.14
CA VAL E 103 21.06 15.93 -9.43
C VAL E 103 20.14 16.43 -10.54
N THR F 13 8.63 -28.32 -0.14
CA THR F 13 9.42 -27.17 0.29
C THR F 13 10.90 -27.50 0.22
N SER F 14 11.60 -26.85 -0.70
CA SER F 14 13.03 -27.06 -0.89
C SER F 14 13.75 -25.72 -0.78
N ILE F 15 14.98 -25.76 -0.27
CA ILE F 15 15.74 -24.53 -0.04
C ILE F 15 15.92 -23.75 -1.32
N LEU F 16 15.96 -24.43 -2.47
CA LEU F 16 16.16 -23.75 -3.75
C LEU F 16 14.95 -22.96 -4.19
N ASP F 17 13.79 -23.17 -3.58
CA ASP F 17 12.58 -22.44 -3.95
C ASP F 17 12.42 -21.13 -3.20
N ILE F 18 13.19 -20.90 -2.14
CA ILE F 18 13.06 -19.70 -1.32
C ILE F 18 13.70 -18.54 -2.06
N ARG F 19 12.88 -17.62 -2.57
CA ARG F 19 13.35 -16.41 -3.21
C ARG F 19 12.81 -15.19 -2.46
N GLN F 20 13.53 -14.08 -2.59
CA GLN F 20 13.10 -12.82 -2.00
C GLN F 20 12.04 -12.17 -2.90
N GLY F 21 10.90 -11.85 -2.32
CA GLY F 21 9.86 -11.15 -3.03
C GLY F 21 10.37 -9.81 -3.53
N PRO F 22 9.68 -9.23 -4.52
CA PRO F 22 10.10 -7.91 -5.01
C PRO F 22 9.88 -6.79 -4.01
N LYS F 23 8.89 -6.92 -3.13
CA LYS F 23 8.62 -5.93 -2.09
C LYS F 23 8.89 -6.45 -0.68
N GLU F 24 9.41 -7.66 -0.54
CA GLU F 24 9.64 -8.24 0.77
C GLU F 24 10.90 -7.65 1.39
N PRO F 25 10.87 -7.30 2.67
CA PRO F 25 12.10 -6.83 3.34
C PRO F 25 13.14 -7.93 3.42
N PHE F 26 14.41 -7.51 3.43
CA PHE F 26 15.50 -8.47 3.49
C PHE F 26 15.48 -9.24 4.81
N ARG F 27 15.09 -8.59 5.91
CA ARG F 27 15.00 -9.28 7.19
C ARG F 27 14.04 -10.46 7.12
N ASP F 28 12.92 -10.29 6.41
CA ASP F 28 11.94 -11.38 6.34
C ASP F 28 12.42 -12.48 5.41
N TYR F 29 13.11 -12.13 4.32
CA TYR F 29 13.63 -13.14 3.40
C TYR F 29 14.71 -13.98 4.05
N VAL F 30 15.58 -13.35 4.85
CA VAL F 30 16.61 -14.10 5.57
C VAL F 30 15.99 -15.05 6.57
N ASP F 31 14.85 -14.68 7.16
CA ASP F 31 14.19 -15.56 8.12
C ASP F 31 13.67 -16.82 7.44
N ARG F 32 12.99 -16.67 6.31
CA ARG F 32 12.47 -17.83 5.59
C ARG F 32 13.61 -18.71 5.10
N PHE F 33 14.66 -18.10 4.55
CA PHE F 33 15.82 -18.85 4.09
C PHE F 33 16.37 -19.74 5.20
N TYR F 34 16.63 -19.15 6.37
CA TYR F 34 17.12 -19.93 7.50
C TYR F 34 16.03 -20.78 8.12
N LYS F 35 14.79 -20.30 8.11
CA LYS F 35 13.67 -21.13 8.58
C LYS F 35 13.53 -22.38 7.73
N THR F 36 13.78 -22.26 6.42
CA THR F 36 13.71 -23.41 5.52
C THR F 36 14.99 -24.24 5.54
N LEU F 37 16.13 -23.60 5.83
CA LEU F 37 17.41 -24.32 5.79
C LEU F 37 17.56 -25.29 6.95
N ARG F 38 16.95 -25.00 8.10
CA ARG F 38 17.12 -25.81 9.30
C ARG F 38 16.27 -27.08 9.30
N ALA F 39 15.51 -27.35 8.23
CA ALA F 39 14.71 -28.55 8.11
C ALA F 39 15.03 -29.33 6.83
N GLU F 40 16.19 -29.07 6.23
CA GLU F 40 16.60 -29.72 5.00
C GLU F 40 17.44 -30.94 5.33
N GLN F 41 17.19 -32.04 4.62
CA GLN F 41 17.95 -33.26 4.83
C GLN F 41 19.37 -33.11 4.26
N ALA F 42 20.09 -32.09 4.70
CA ALA F 42 21.44 -31.81 4.24
C ALA F 42 22.43 -31.92 5.39
N SER F 43 23.71 -31.99 5.05
CA SER F 43 24.76 -32.02 6.05
C SER F 43 25.11 -30.60 6.48
N GLN F 44 25.70 -30.49 7.67
CA GLN F 44 26.10 -29.18 8.17
C GLN F 44 27.06 -28.50 7.22
N GLU F 45 27.99 -29.27 6.63
CA GLU F 45 28.93 -28.69 5.67
C GLU F 45 28.21 -28.14 4.45
N VAL F 46 27.20 -28.87 3.96
CA VAL F 46 26.46 -28.40 2.79
C VAL F 46 25.66 -27.15 3.14
N LYS F 47 25.03 -27.13 4.32
CA LYS F 47 24.17 -26.01 4.69
C LYS F 47 24.95 -24.71 4.81
N ASN F 48 26.22 -24.77 5.19
CA ASN F 48 27.05 -23.58 5.17
C ASN F 48 27.34 -23.15 3.74
N TRP F 49 27.61 -24.10 2.85
CA TRP F 49 27.86 -23.78 1.45
C TRP F 49 26.60 -23.25 0.78
N MET F 50 25.44 -23.81 1.14
CA MET F 50 24.17 -23.25 0.67
C MET F 50 24.04 -21.79 1.09
N THR F 51 24.27 -21.51 2.37
CA THR F 51 24.14 -20.14 2.88
C THR F 51 24.95 -19.15 2.06
N GLU F 52 26.18 -19.51 1.69
CA GLU F 52 27.04 -18.58 0.99
C GLU F 52 26.61 -18.37 -0.45
N THR F 53 26.05 -19.40 -1.09
CA THR F 53 25.73 -19.32 -2.51
C THR F 53 24.29 -18.85 -2.75
N LEU F 54 23.32 -19.56 -2.17
CA LEU F 54 21.91 -19.31 -2.48
C LEU F 54 21.42 -17.98 -1.92
N LEU F 55 21.89 -17.60 -0.72
CA LEU F 55 21.29 -16.47 -0.02
C LEU F 55 21.38 -15.18 -0.83
N VAL F 56 22.52 -14.92 -1.45
CA VAL F 56 22.70 -13.67 -2.18
C VAL F 56 22.19 -13.77 -3.62
N GLN F 57 22.18 -14.97 -4.21
CA GLN F 57 21.71 -15.12 -5.58
C GLN F 57 20.19 -15.00 -5.67
N ASN F 58 19.46 -15.41 -4.63
CA ASN F 58 18.01 -15.42 -4.65
C ASN F 58 17.40 -14.11 -4.14
N ALA F 59 18.22 -13.12 -3.80
CA ALA F 59 17.70 -11.82 -3.42
C ALA F 59 17.24 -11.05 -4.66
N ASN F 60 16.26 -10.17 -4.46
CA ASN F 60 15.72 -9.38 -5.55
C ASN F 60 16.76 -8.36 -6.02
N PRO F 61 16.58 -7.77 -7.20
CA PRO F 61 17.63 -6.92 -7.77
C PRO F 61 17.95 -5.69 -6.93
N ASP F 62 17.08 -5.28 -6.01
CA ASP F 62 17.36 -4.09 -5.21
C ASP F 62 18.37 -4.39 -4.11
N CYS F 63 18.15 -5.48 -3.36
CA CYS F 63 19.12 -5.86 -2.33
C CYS F 63 20.41 -6.35 -2.97
N LYS F 64 20.32 -7.04 -4.11
CA LYS F 64 21.50 -7.65 -4.72
C LYS F 64 22.53 -6.58 -5.09
N THR F 65 22.09 -5.54 -5.79
CA THR F 65 23.00 -4.45 -6.15
C THR F 65 23.75 -3.92 -4.93
N ILE F 66 23.05 -3.80 -3.80
CA ILE F 66 23.68 -3.28 -2.59
C ILE F 66 24.63 -4.30 -2.01
N LEU F 67 24.22 -5.58 -1.96
CA LEU F 67 25.09 -6.63 -1.45
C LEU F 67 26.33 -6.78 -2.33
N LYS F 68 26.13 -6.84 -3.65
CA LYS F 68 27.26 -6.99 -4.56
C LYS F 68 28.26 -5.86 -4.43
N ALA F 69 27.87 -4.72 -3.84
CA ALA F 69 28.80 -3.62 -3.65
C ALA F 69 29.69 -3.85 -2.44
N LEU F 70 29.21 -4.54 -1.41
CA LEU F 70 30.03 -4.82 -0.24
C LEU F 70 31.22 -5.70 -0.59
N GLY F 71 30.95 -6.85 -1.21
CA GLY F 71 32.00 -7.78 -1.57
C GLY F 71 32.03 -8.99 -0.67
N PRO F 72 33.08 -9.79 -0.76
CA PRO F 72 33.20 -10.97 0.08
C PRO F 72 33.69 -10.62 1.49
N GLY F 73 33.39 -11.52 2.42
CA GLY F 73 33.75 -11.32 3.81
C GLY F 73 32.71 -10.63 4.68
N ALA F 74 31.58 -10.24 4.10
CA ALA F 74 30.54 -9.56 4.86
C ALA F 74 29.67 -10.57 5.60
N THR F 75 29.41 -10.30 6.87
CA THR F 75 28.54 -11.13 7.68
C THR F 75 27.10 -10.69 7.51
N LEU F 76 26.17 -11.47 8.09
CA LEU F 76 24.78 -11.07 8.08
C LEU F 76 24.60 -9.71 8.76
N GLU F 77 25.36 -9.46 9.82
CA GLU F 77 25.26 -8.18 10.52
C GLU F 77 25.58 -7.01 9.58
N GLU F 78 26.48 -7.22 8.63
CA GLU F 78 26.85 -6.15 7.70
C GLU F 78 25.87 -6.06 6.53
N MET F 79 25.37 -7.20 6.06
CA MET F 79 24.42 -7.19 4.94
C MET F 79 23.08 -6.59 5.36
N MET F 80 22.52 -7.10 6.46
CA MET F 80 21.16 -6.71 6.85
C MET F 80 21.10 -5.23 7.21
N THR F 81 22.14 -4.70 7.86
CA THR F 81 22.15 -3.28 8.17
C THR F 81 22.26 -2.42 6.92
N ALA F 82 22.74 -2.98 5.82
CA ALA F 82 22.88 -2.24 4.57
C ALA F 82 21.64 -2.32 3.69
N CYS F 83 20.73 -3.24 3.97
CA CYS F 83 19.53 -3.42 3.15
C CYS F 83 18.24 -3.00 3.84
N GLN F 84 18.26 -2.72 5.14
CA GLN F 84 17.02 -2.39 5.84
C GLN F 84 16.46 -1.04 5.41
N GLY F 85 17.17 -0.29 4.58
CA GLY F 85 16.64 0.94 4.03
C GLY F 85 15.89 0.71 2.73
N VAL F 86 16.23 -0.39 2.04
CA VAL F 86 15.58 -0.73 0.78
C VAL F 86 14.07 -0.73 0.98
N GLY F 87 13.37 -0.01 0.12
CA GLY F 87 11.94 0.15 0.25
C GLY F 87 11.51 1.26 1.20
N GLY F 88 12.45 1.91 1.87
CA GLY F 88 12.13 2.98 2.78
C GLY F 88 12.09 4.32 2.07
N PRO F 89 11.58 5.35 2.76
CA PRO F 89 11.46 6.68 2.12
C PRO F 89 12.76 7.17 1.51
N GLY F 90 13.88 7.04 2.23
CA GLY F 90 15.14 7.57 1.73
C GLY F 90 15.64 6.80 0.53
N HIS F 91 15.64 5.47 0.62
CA HIS F 91 16.13 4.65 -0.48
C HIS F 91 15.28 4.85 -1.72
N LYS F 92 13.96 4.73 -1.59
CA LYS F 92 13.07 4.91 -2.72
C LYS F 92 13.35 6.23 -3.43
N ALA F 93 13.41 7.33 -2.68
CA ALA F 93 13.58 8.63 -3.29
C ALA F 93 14.92 8.75 -4.02
N ARG F 94 15.99 8.27 -3.37
CA ARG F 94 17.32 8.37 -3.98
C ARG F 94 17.35 7.67 -5.33
N VAL F 95 16.79 6.46 -5.41
CA VAL F 95 16.74 5.73 -6.67
C VAL F 95 16.05 6.56 -7.73
N LEU F 96 14.87 7.10 -7.41
CA LEU F 96 14.11 7.85 -8.40
C LEU F 96 14.92 9.04 -8.91
N ALA F 97 15.65 9.72 -8.03
CA ALA F 97 16.47 10.85 -8.46
C ALA F 97 17.49 10.41 -9.50
N GLU F 98 18.28 9.38 -9.18
CA GLU F 98 19.29 8.88 -10.11
C GLU F 98 18.69 8.24 -11.35
N ALA F 99 17.37 8.09 -11.41
CA ALA F 99 16.71 7.61 -12.62
C ALA F 99 16.40 8.75 -13.57
N MET F 100 16.15 9.95 -13.05
CA MET F 100 15.99 11.13 -13.89
C MET F 100 17.33 11.70 -14.33
N SER F 101 18.40 11.45 -13.58
CA SER F 101 19.72 11.95 -13.97
C SER F 101 20.37 11.09 -15.03
N GLN F 102 20.12 9.78 -15.01
CA GLN F 102 20.72 8.88 -15.99
C GLN F 102 20.02 8.94 -17.34
N VAL F 103 18.81 9.51 -17.41
CA VAL F 103 18.05 9.57 -18.65
C VAL F 103 17.66 11.01 -18.97
N THR F 104 17.37 11.79 -17.94
CA THR F 104 16.95 13.18 -18.13
C THR F 104 15.69 13.28 -19.00
#